data_1DDL
#
_entry.id   1DDL
#
_cell.length_a   348.546
_cell.length_b   348.546
_cell.length_c   348.546
_cell.angle_alpha   90.00
_cell.angle_beta   90.00
_cell.angle_gamma   90.00
#
_symmetry.space_group_name_H-M   'P 42 3 2'
#
loop_
_entity.id
_entity.type
_entity.pdbx_description
1 polymer "RNA (5'-R(P*UP*UP*UP*UP*UP*UP*U)-3')"
2 polymer "RNA (5'-R(P*UP*U)-3')"
3 polymer 'DESMODIUM YELLOW MOTTLE VIRUS'
4 water water
#
loop_
_entity_poly.entity_id
_entity_poly.type
_entity_poly.pdbx_seq_one_letter_code
_entity_poly.pdbx_strand_id
1 'polyribonucleotide' UUUUUUU D
2 'polyribonucleotide' UU E
3 'polypeptide(L)'
;MEQDKILAHQASLNTKPSLLPPPVGNPPPVISYPFQITLASLGTEDAADSVSIASNSVLATYTALYRHAQLKHLKATIHP
TYMAPKYPTSVALVWVPANSTATSTQVLDTYGGLHFCIGGSVNSVKPIDVEANLTNLNPIIKASTTFTDTPKLLYYSKAQ
ATAPTSPTCYLTIQGQIELSSPLLQASS
;
A,B,C
#
loop_
_chem_comp.id
_chem_comp.type
_chem_comp.name
_chem_comp.formula
U RNA linking URIDINE-5'-MONOPHOSPHATE 'C9 H13 N2 O9 P'
#
# COMPACT_ATOMS: atom_id res chain seq x y z
N MET C 1 5.10 -23.67 44.25
CA MET C 1 5.22 -22.17 44.30
C MET C 1 6.22 -21.53 43.30
N GLU C 2 7.14 -22.31 42.74
CA GLU C 2 8.14 -21.84 41.76
C GLU C 2 7.68 -22.11 40.31
N GLN C 3 7.73 -21.11 39.42
CA GLN C 3 7.30 -21.27 38.03
C GLN C 3 8.36 -21.93 37.15
N ASP C 4 7.91 -22.69 36.15
CA ASP C 4 8.82 -23.39 35.27
C ASP C 4 9.04 -22.63 33.97
N LYS C 5 9.50 -21.39 34.06
CA LYS C 5 9.68 -20.61 32.87
C LYS C 5 10.57 -19.41 33.13
N ILE C 6 11.28 -18.99 32.10
CA ILE C 6 12.14 -17.84 32.22
C ILE C 6 11.67 -16.79 31.24
N LEU C 7 11.62 -15.56 31.72
CA LEU C 7 11.22 -14.44 30.89
C LEU C 7 12.45 -13.66 30.44
N ALA C 8 12.57 -13.42 29.15
CA ALA C 8 13.68 -12.64 28.65
C ALA C 8 13.05 -11.36 28.10
N HIS C 9 13.63 -10.19 28.35
CA HIS C 9 13.02 -8.98 27.85
C HIS C 9 13.86 -8.36 26.75
N GLN C 10 13.21 -8.12 25.62
CA GLN C 10 13.86 -7.48 24.49
C GLN C 10 13.74 -5.97 24.74
N ALA C 11 14.89 -5.33 24.85
CA ALA C 11 14.97 -3.90 25.10
C ALA C 11 14.05 -3.17 24.16
N SER C 12 13.24 -2.26 24.68
CA SER C 12 12.34 -1.52 23.80
C SER C 12 12.65 -0.02 23.76
N LEU C 13 11.96 0.64 22.83
CA LEU C 13 12.10 2.08 22.68
C LEU C 13 10.80 2.67 22.14
N ASN C 14 10.70 4.00 22.12
CA ASN C 14 9.49 4.65 21.63
C ASN C 14 9.54 4.82 20.10
N THR C 15 8.82 3.94 19.42
CA THR C 15 8.71 3.90 17.97
C THR C 15 7.31 3.37 17.67
N LYS C 16 6.48 4.16 17.01
CA LYS C 16 5.11 3.75 16.75
C LYS C 16 4.75 3.71 15.27
N PRO C 17 3.67 2.99 14.93
CA PRO C 17 3.20 2.97 13.53
C PRO C 17 2.49 4.31 13.25
N SER C 18 2.20 4.57 11.99
CA SER C 18 1.56 5.83 11.66
C SER C 18 1.00 5.85 10.24
N LEU C 19 0.01 6.73 10.06
CA LEU C 19 -0.67 6.94 8.79
C LEU C 19 -0.77 8.44 8.49
N LEU C 20 -1.98 8.89 8.15
CA LEU C 20 -2.26 10.27 7.81
C LEU C 20 -2.47 11.16 9.04
N PRO C 21 -2.02 12.42 8.94
CA PRO C 21 -2.19 13.37 10.04
C PRO C 21 -3.67 13.72 10.14
N PRO C 22 -4.05 14.52 11.15
CA PRO C 22 -5.48 14.83 11.23
C PRO C 22 -5.95 15.68 10.05
N PRO C 23 -7.19 15.46 9.59
CA PRO C 23 -7.71 16.26 8.46
C PRO C 23 -7.87 17.74 8.78
N VAL C 24 -7.18 18.59 8.01
CA VAL C 24 -7.25 20.04 8.20
C VAL C 24 -8.20 20.68 7.20
N GLY C 25 -8.88 21.74 7.64
CA GLY C 25 -9.82 22.51 6.84
C GLY C 25 -11.15 21.88 6.49
N ASN C 26 -11.80 22.51 5.52
CA ASN C 26 -13.11 22.11 4.98
C ASN C 26 -12.99 20.89 4.09
N PRO C 27 -13.85 19.87 4.30
CA PRO C 27 -13.77 18.69 3.44
C PRO C 27 -14.31 19.07 2.05
N PRO C 28 -13.73 18.50 0.98
CA PRO C 28 -14.19 18.84 -0.37
C PRO C 28 -15.56 18.23 -0.73
N PRO C 29 -16.28 18.87 -1.66
CA PRO C 29 -17.60 18.42 -2.07
C PRO C 29 -17.57 17.09 -2.80
N VAL C 30 -18.66 16.34 -2.69
CA VAL C 30 -18.73 15.05 -3.33
C VAL C 30 -19.87 15.04 -4.34
N ILE C 31 -19.68 14.33 -5.44
CA ILE C 31 -20.70 14.20 -6.46
C ILE C 31 -20.86 12.74 -6.84
N SER C 32 -22.06 12.28 -7.21
CA SER C 32 -22.23 10.87 -7.60
C SER C 32 -22.46 10.80 -9.08
N TYR C 33 -21.73 9.94 -9.77
CA TYR C 33 -21.92 9.86 -11.20
C TYR C 33 -22.40 8.48 -11.61
N PRO C 34 -23.49 8.40 -12.38
CA PRO C 34 -23.96 7.08 -12.76
C PRO C 34 -23.26 6.55 -14.01
N PHE C 35 -23.13 5.23 -14.07
CA PHE C 35 -22.48 4.60 -15.22
C PHE C 35 -22.96 3.17 -15.48
N GLN C 36 -22.77 2.75 -16.71
CA GLN C 36 -23.07 1.38 -17.14
C GLN C 36 -21.97 1.02 -18.14
N ILE C 37 -21.30 -0.09 -17.90
CA ILE C 37 -20.20 -0.50 -18.75
C ILE C 37 -20.36 -1.93 -19.23
N THR C 38 -20.16 -2.14 -20.53
CA THR C 38 -20.27 -3.48 -21.08
C THR C 38 -18.98 -4.24 -20.84
N LEU C 39 -19.07 -5.39 -20.20
CA LEU C 39 -17.85 -6.14 -19.92
C LEU C 39 -17.61 -7.27 -20.90
N ALA C 40 -18.67 -7.87 -21.44
CA ALA C 40 -18.43 -9.00 -22.32
C ALA C 40 -19.67 -9.42 -23.10
N SER C 41 -19.43 -10.03 -24.25
CA SER C 41 -20.48 -10.56 -25.12
C SER C 41 -20.29 -12.05 -24.97
N LEU C 42 -21.32 -12.75 -24.50
CA LEU C 42 -21.19 -14.18 -24.30
C LEU C 42 -22.07 -15.02 -25.22
N GLY C 43 -21.82 -16.33 -25.18
CA GLY C 43 -22.57 -17.31 -25.95
C GLY C 43 -21.98 -17.94 -27.19
N THR C 44 -20.95 -17.34 -27.77
CA THR C 44 -20.34 -17.88 -28.99
C THR C 44 -19.21 -18.85 -28.70
N GLU C 45 -18.78 -18.93 -27.43
CA GLU C 45 -17.71 -19.83 -27.03
C GLU C 45 -17.57 -19.85 -25.52
N ASP C 46 -17.09 -20.93 -24.91
CA ASP C 46 -16.92 -20.98 -23.47
C ASP C 46 -16.04 -19.80 -23.03
N ALA C 47 -16.37 -19.17 -21.91
CA ALA C 47 -15.60 -18.04 -21.40
C ALA C 47 -15.51 -18.05 -19.89
N ALA C 48 -14.47 -17.45 -19.34
CA ALA C 48 -14.26 -17.37 -17.90
C ALA C 48 -13.21 -16.32 -17.62
N ASP C 49 -13.53 -15.37 -16.77
CA ASP C 49 -12.56 -14.36 -16.44
C ASP C 49 -12.89 -13.81 -15.08
N SER C 50 -12.01 -12.92 -14.62
CA SER C 50 -12.18 -12.27 -13.35
C SER C 50 -11.90 -10.81 -13.65
N VAL C 51 -12.82 -9.96 -13.24
CA VAL C 51 -12.68 -8.54 -13.50
C VAL C 51 -12.46 -7.76 -12.22
N SER C 52 -11.33 -7.07 -12.14
CA SER C 52 -11.05 -6.25 -10.96
C SER C 52 -11.63 -4.88 -11.23
N ILE C 53 -12.69 -4.53 -10.52
CA ILE C 53 -13.34 -3.25 -10.74
C ILE C 53 -12.41 -2.08 -10.55
N ALA C 54 -11.53 -2.12 -9.55
CA ALA C 54 -10.63 -1.00 -9.32
C ALA C 54 -9.61 -0.79 -10.43
N SER C 55 -9.39 -1.76 -11.30
CA SER C 55 -8.39 -1.53 -12.33
C SER C 55 -8.97 -1.54 -13.74
N ASN C 56 -10.29 -1.43 -13.82
CA ASN C 56 -11.00 -1.42 -15.09
C ASN C 56 -10.73 -0.14 -15.88
N SER C 57 -10.24 -0.33 -17.10
CA SER C 57 -9.89 0.76 -18.00
C SER C 57 -11.01 1.79 -18.22
N VAL C 58 -12.22 1.35 -18.49
CA VAL C 58 -13.32 2.28 -18.75
C VAL C 58 -13.78 3.07 -17.53
N LEU C 59 -13.98 2.39 -16.41
CA LEU C 59 -14.39 3.10 -15.22
C LEU C 59 -13.31 4.10 -14.82
N ALA C 60 -12.06 3.79 -15.15
CA ALA C 60 -10.97 4.68 -14.81
C ALA C 60 -11.07 6.01 -15.54
N THR C 61 -11.76 6.05 -16.67
CA THR C 61 -11.85 7.34 -17.34
C THR C 61 -12.66 8.32 -16.50
N TYR C 62 -13.47 7.81 -15.57
CA TYR C 62 -14.25 8.69 -14.71
C TYR C 62 -13.44 9.07 -13.48
N THR C 63 -12.73 8.11 -12.90
CA THR C 63 -11.94 8.36 -11.70
C THR C 63 -10.61 9.05 -11.95
N ALA C 64 -10.17 9.07 -13.20
CA ALA C 64 -8.89 9.71 -13.51
C ALA C 64 -8.82 11.15 -13.03
N LEU C 65 -9.93 11.87 -13.08
CA LEU C 65 -9.93 13.26 -12.67
C LEU C 65 -9.97 13.49 -11.17
N TYR C 66 -10.14 12.44 -10.37
CA TYR C 66 -10.22 12.68 -8.94
C TYR C 66 -9.26 11.82 -8.14
N ARG C 67 -9.17 12.19 -6.87
CA ARG C 67 -8.29 11.49 -5.94
C ARG C 67 -9.02 10.46 -5.12
N HIS C 68 -10.30 10.69 -4.86
CA HIS C 68 -11.09 9.77 -4.07
C HIS C 68 -12.30 9.27 -4.86
N ALA C 69 -12.50 7.96 -4.95
CA ALA C 69 -13.64 7.40 -5.65
C ALA C 69 -14.23 6.30 -4.79
N GLN C 70 -15.53 6.34 -4.54
CA GLN C 70 -16.18 5.35 -3.71
C GLN C 70 -17.49 4.88 -4.34
N LEU C 71 -17.71 3.57 -4.48
CA LEU C 71 -18.95 3.08 -5.07
C LEU C 71 -20.12 3.21 -4.11
N LYS C 72 -21.25 3.72 -4.60
CA LYS C 72 -22.44 3.90 -3.78
C LYS C 72 -23.38 2.71 -3.97
N HIS C 73 -23.46 2.22 -5.20
CA HIS C 73 -24.29 1.09 -5.61
C HIS C 73 -23.55 0.41 -6.76
N LEU C 74 -23.60 -0.90 -6.87
CA LEU C 74 -22.93 -1.60 -7.95
C LEU C 74 -23.59 -2.94 -8.22
N LYS C 75 -23.85 -3.26 -9.49
CA LYS C 75 -24.47 -4.53 -9.81
C LYS C 75 -24.01 -5.04 -11.17
N ALA C 76 -24.22 -6.33 -11.42
CA ALA C 76 -23.88 -6.89 -12.72
C ALA C 76 -25.21 -7.26 -13.35
N THR C 77 -25.30 -7.20 -14.66
CA THR C 77 -26.56 -7.54 -15.30
C THR C 77 -26.31 -8.38 -16.53
N ILE C 78 -27.19 -9.32 -16.78
CA ILE C 78 -27.05 -10.15 -17.96
C ILE C 78 -28.22 -9.84 -18.86
N HIS C 79 -27.94 -9.31 -20.04
CA HIS C 79 -29.00 -8.97 -20.98
C HIS C 79 -29.05 -9.99 -22.09
N PRO C 80 -30.18 -10.68 -22.24
CA PRO C 80 -30.32 -11.70 -23.27
C PRO C 80 -30.60 -11.11 -24.65
N THR C 81 -30.21 -11.80 -25.71
CA THR C 81 -30.43 -11.33 -27.08
C THR C 81 -31.37 -12.26 -27.84
N TYR C 82 -31.72 -11.93 -29.08
CA TYR C 82 -32.63 -12.76 -29.86
C TYR C 82 -32.04 -14.12 -30.21
N MET C 83 -30.78 -14.35 -29.89
CA MET C 83 -30.19 -15.64 -30.21
C MET C 83 -30.25 -16.58 -29.02
N ALA C 84 -30.52 -16.06 -27.83
CA ALA C 84 -30.55 -16.91 -26.64
C ALA C 84 -31.52 -18.08 -26.71
N PRO C 85 -32.76 -17.86 -27.16
CA PRO C 85 -33.69 -19.00 -27.20
C PRO C 85 -33.27 -20.21 -28.05
N LYS C 86 -32.54 -20.00 -29.15
CA LYS C 86 -32.14 -21.15 -29.95
C LYS C 86 -30.85 -21.75 -29.40
N TYR C 87 -30.06 -20.95 -28.67
CA TYR C 87 -28.78 -21.40 -28.12
C TYR C 87 -28.58 -21.11 -26.62
N PRO C 88 -29.30 -21.82 -25.75
CA PRO C 88 -29.23 -21.67 -24.29
C PRO C 88 -27.79 -21.60 -23.82
N THR C 89 -27.48 -20.63 -22.96
CA THR C 89 -26.13 -20.45 -22.48
C THR C 89 -26.06 -20.45 -20.95
N SER C 90 -25.09 -21.16 -20.39
CA SER C 90 -24.92 -21.16 -18.95
C SER C 90 -24.09 -19.94 -18.58
N VAL C 91 -24.49 -19.20 -17.55
CA VAL C 91 -23.71 -18.06 -17.11
C VAL C 91 -23.69 -18.08 -15.60
N ALA C 92 -22.52 -18.06 -14.99
CA ALA C 92 -22.46 -18.10 -13.55
C ALA C 92 -21.61 -16.95 -13.05
N LEU C 93 -22.02 -16.26 -12.00
CA LEU C 93 -21.19 -15.17 -11.52
C LEU C 93 -21.28 -14.98 -10.03
N VAL C 94 -20.27 -14.32 -9.49
CA VAL C 94 -20.18 -14.04 -8.06
C VAL C 94 -19.23 -12.87 -7.86
N TRP C 95 -19.49 -12.07 -6.84
CA TRP C 95 -18.71 -10.89 -6.45
C TRP C 95 -17.88 -11.25 -5.22
N VAL C 96 -16.58 -11.00 -5.24
CA VAL C 96 -15.75 -11.31 -4.08
C VAL C 96 -14.73 -10.20 -3.92
N PRO C 97 -14.16 -10.05 -2.73
CA PRO C 97 -13.11 -9.04 -2.50
C PRO C 97 -11.97 -9.43 -3.43
N ALA C 98 -11.16 -8.46 -3.87
CA ALA C 98 -10.06 -8.72 -4.77
C ALA C 98 -9.03 -9.68 -4.20
N ASN C 99 -8.92 -9.73 -2.87
CA ASN C 99 -7.95 -10.65 -2.28
C ASN C 99 -8.51 -12.04 -2.00
N SER C 100 -9.65 -12.38 -2.58
CA SER C 100 -10.20 -13.70 -2.38
C SER C 100 -9.46 -14.66 -3.31
N THR C 101 -9.25 -15.89 -2.91
CA THR C 101 -8.55 -16.81 -3.81
C THR C 101 -9.49 -17.68 -4.62
N ALA C 102 -10.77 -17.33 -4.62
CA ALA C 102 -11.74 -18.11 -5.38
C ALA C 102 -11.56 -17.86 -6.87
N THR C 103 -11.87 -18.88 -7.67
CA THR C 103 -11.74 -18.81 -9.13
C THR C 103 -13.08 -18.98 -9.85
N SER C 104 -13.11 -18.61 -11.13
CA SER C 104 -14.32 -18.71 -11.94
C SER C 104 -14.98 -20.07 -11.89
N THR C 105 -14.25 -21.13 -11.60
CA THR C 105 -14.91 -22.43 -11.60
C THR C 105 -15.48 -22.82 -10.25
N GLN C 106 -15.39 -21.90 -9.29
CA GLN C 106 -15.87 -22.15 -7.93
C GLN C 106 -17.00 -21.20 -7.54
N VAL C 107 -17.73 -20.70 -8.53
CA VAL C 107 -18.83 -19.79 -8.22
C VAL C 107 -19.83 -20.39 -7.25
N LEU C 108 -20.31 -21.59 -7.52
CA LEU C 108 -21.31 -22.19 -6.64
C LEU C 108 -20.78 -22.59 -5.27
N ASP C 109 -19.49 -22.47 -5.04
CA ASP C 109 -18.93 -22.83 -3.74
C ASP C 109 -18.62 -21.57 -2.94
N THR C 110 -19.08 -20.44 -3.48
CA THR C 110 -18.85 -19.14 -2.87
C THR C 110 -20.16 -18.47 -2.53
N TYR C 111 -20.23 -17.91 -1.35
CA TYR C 111 -21.44 -17.27 -0.89
C TYR C 111 -21.94 -16.23 -1.88
N GLY C 112 -23.21 -16.31 -2.22
CA GLY C 112 -23.84 -15.38 -3.15
C GLY C 112 -23.67 -15.69 -4.63
N GLY C 113 -22.87 -16.70 -4.98
CA GLY C 113 -22.65 -17.11 -6.36
C GLY C 113 -23.94 -17.68 -6.93
N LEU C 114 -24.23 -17.38 -8.19
CA LEU C 114 -25.44 -17.85 -8.88
C LEU C 114 -25.12 -18.42 -10.24
N HIS C 115 -25.85 -19.45 -10.65
CA HIS C 115 -25.63 -20.07 -11.95
C HIS C 115 -26.96 -20.00 -12.69
N PHE C 116 -26.96 -19.35 -13.84
CA PHE C 116 -28.19 -19.20 -14.61
C PHE C 116 -28.16 -19.91 -15.95
N CYS C 117 -29.35 -20.08 -16.49
CA CYS C 117 -29.51 -20.65 -17.82
C CYS C 117 -30.10 -19.53 -18.66
N ILE C 118 -29.33 -18.90 -19.54
CA ILE C 118 -29.88 -17.81 -20.34
C ILE C 118 -30.48 -18.31 -21.64
N GLY C 119 -31.75 -17.96 -21.86
CA GLY C 119 -32.53 -18.33 -23.05
C GLY C 119 -32.94 -19.80 -22.95
N GLY C 120 -33.01 -20.50 -24.08
CA GLY C 120 -33.38 -21.93 -24.20
C GLY C 120 -34.84 -22.13 -24.58
N SER C 121 -35.58 -21.11 -24.17
CA SER C 121 -36.99 -20.94 -24.36
C SER C 121 -37.27 -19.67 -23.58
N VAL C 122 -37.02 -19.75 -22.28
CA VAL C 122 -37.23 -18.65 -21.34
C VAL C 122 -35.96 -17.95 -20.89
N ASN C 123 -36.17 -17.06 -19.93
CA ASN C 123 -35.12 -16.24 -19.35
C ASN C 123 -34.69 -15.18 -20.36
N SER C 124 -35.74 -14.43 -20.70
CA SER C 124 -35.73 -13.33 -21.64
C SER C 124 -36.37 -12.08 -20.99
N VAL C 125 -36.95 -12.33 -19.80
CA VAL C 125 -37.62 -11.33 -18.94
C VAL C 125 -36.64 -10.21 -18.57
N LYS C 126 -37.15 -9.19 -17.88
CA LYS C 126 -36.35 -8.03 -17.44
C LYS C 126 -34.92 -8.48 -17.00
N PRO C 127 -33.87 -8.29 -17.85
CA PRO C 127 -32.51 -8.70 -17.53
C PRO C 127 -32.24 -8.96 -16.05
N ILE C 128 -31.48 -10.02 -15.83
CA ILE C 128 -31.10 -10.49 -14.52
C ILE C 128 -30.02 -9.63 -13.88
N ASP C 129 -30.29 -9.16 -12.66
CA ASP C 129 -29.34 -8.34 -11.92
C ASP C 129 -28.70 -9.15 -10.80
N VAL C 130 -27.44 -8.90 -10.51
CA VAL C 130 -26.77 -9.55 -9.39
C VAL C 130 -26.05 -8.43 -8.64
N GLU C 131 -26.68 -7.90 -7.59
CA GLU C 131 -26.11 -6.80 -6.84
C GLU C 131 -24.90 -7.18 -6.02
N ALA C 132 -23.95 -6.27 -5.92
CA ALA C 132 -22.73 -6.45 -5.16
C ALA C 132 -22.99 -5.97 -3.73
N ASN C 133 -22.69 -6.76 -2.71
CA ASN C 133 -22.93 -6.27 -1.35
C ASN C 133 -21.73 -5.47 -0.89
N LEU C 134 -21.89 -4.17 -0.77
CA LEU C 134 -20.77 -3.31 -0.37
C LEU C 134 -20.39 -3.39 1.09
N THR C 135 -21.01 -4.33 1.82
CA THR C 135 -20.55 -4.44 3.19
C THR C 135 -19.58 -5.61 3.21
N ASN C 136 -19.55 -6.41 2.15
CA ASN C 136 -18.60 -7.53 2.10
C ASN C 136 -17.48 -7.22 1.13
N LEU C 137 -17.57 -6.06 0.48
CA LEU C 137 -16.57 -5.65 -0.48
C LEU C 137 -16.21 -4.22 -0.16
N ASN C 138 -14.94 -3.87 -0.27
CA ASN C 138 -14.54 -2.50 0.01
C ASN C 138 -14.96 -1.61 -1.17
N PRO C 139 -15.85 -0.63 -0.95
CA PRO C 139 -16.35 0.24 -2.01
C PRO C 139 -15.42 1.36 -2.43
N ILE C 140 -14.34 1.55 -1.69
CA ILE C 140 -13.42 2.61 -2.04
C ILE C 140 -12.37 2.12 -3.01
N ILE C 141 -12.52 2.48 -4.29
CA ILE C 141 -11.57 2.01 -5.27
C ILE C 141 -10.46 3.01 -5.58
N LYS C 142 -10.47 4.17 -4.94
CA LYS C 142 -9.38 5.12 -5.20
C LYS C 142 -9.24 6.05 -4.01
N ALA C 143 -8.02 6.15 -3.52
CA ALA C 143 -7.71 6.99 -2.37
C ALA C 143 -6.21 7.20 -2.28
N SER C 144 -5.75 7.70 -1.13
CA SER C 144 -4.33 7.98 -0.93
C SER C 144 -3.47 6.73 -0.89
N THR C 145 -4.12 5.56 -0.81
CA THR C 145 -3.39 4.31 -0.84
C THR C 145 -4.21 3.26 -1.57
N THR C 146 -3.56 2.15 -1.94
CA THR C 146 -4.24 1.06 -2.62
C THR C 146 -4.80 0.08 -1.62
N PHE C 147 -6.02 -0.40 -1.87
CA PHE C 147 -6.66 -1.38 -0.99
C PHE C 147 -6.62 -2.76 -1.61
N THR C 148 -6.73 -3.74 -0.72
CA THR C 148 -6.62 -5.13 -1.13
C THR C 148 -7.91 -5.87 -1.36
N ASP C 149 -8.99 -5.35 -0.78
CA ASP C 149 -10.31 -5.99 -0.83
C ASP C 149 -11.40 -5.28 -1.62
N THR C 150 -11.06 -4.63 -2.73
CA THR C 150 -12.06 -3.94 -3.54
C THR C 150 -12.82 -4.97 -4.38
N PRO C 151 -13.96 -4.58 -4.98
CA PRO C 151 -14.75 -5.55 -5.75
C PRO C 151 -14.11 -6.25 -6.93
N LYS C 152 -14.32 -7.56 -7.01
CA LYS C 152 -13.82 -8.38 -8.10
C LYS C 152 -14.98 -9.25 -8.54
N LEU C 153 -15.24 -9.29 -9.84
CA LEU C 153 -16.34 -10.09 -10.36
C LEU C 153 -15.81 -11.33 -11.05
N LEU C 154 -16.35 -12.49 -10.70
CA LEU C 154 -15.91 -13.73 -11.34
C LEU C 154 -17.05 -14.24 -12.20
N TYR C 155 -16.75 -14.65 -13.43
CA TYR C 155 -17.81 -15.20 -14.24
C TYR C 155 -17.31 -16.37 -15.06
N TYR C 156 -18.24 -17.29 -15.30
CA TYR C 156 -18.01 -18.52 -16.02
C TYR C 156 -19.18 -18.71 -16.97
N SER C 157 -18.90 -19.07 -18.21
CA SER C 157 -19.98 -19.25 -19.16
C SER C 157 -19.74 -20.45 -20.05
N LYS C 158 -20.74 -21.30 -20.24
CA LYS C 158 -20.58 -22.46 -21.10
C LYS C 158 -21.49 -22.24 -22.30
N ALA C 159 -20.96 -22.36 -23.51
CA ALA C 159 -21.76 -22.18 -24.72
C ALA C 159 -22.12 -23.53 -25.33
N GLN C 160 -23.13 -23.52 -26.20
CA GLN C 160 -23.55 -24.74 -26.87
C GLN C 160 -22.38 -25.27 -27.72
N ALA C 161 -22.30 -26.59 -27.90
CA ALA C 161 -21.24 -27.21 -28.69
C ALA C 161 -21.20 -26.60 -30.10
N THR C 162 -22.40 -26.51 -30.67
CA THR C 162 -22.64 -25.92 -31.98
C THR C 162 -23.09 -24.50 -31.66
N ALA C 163 -22.12 -23.59 -31.58
CA ALA C 163 -22.39 -22.21 -31.22
C ALA C 163 -22.77 -21.28 -32.36
N PRO C 164 -23.49 -20.20 -32.02
CA PRO C 164 -23.95 -19.15 -32.93
C PRO C 164 -22.82 -18.19 -33.26
N THR C 165 -23.09 -17.29 -34.21
CA THR C 165 -22.07 -16.34 -34.63
C THR C 165 -22.31 -14.97 -33.98
N SER C 166 -23.44 -14.85 -33.30
CA SER C 166 -23.79 -13.62 -32.59
C SER C 166 -23.95 -13.96 -31.12
N PRO C 167 -23.63 -13.03 -30.23
CA PRO C 167 -23.79 -13.35 -28.82
C PRO C 167 -25.21 -13.62 -28.35
N THR C 168 -25.36 -14.52 -27.37
CA THR C 168 -26.67 -14.83 -26.83
C THR C 168 -26.99 -13.90 -25.65
N CYS C 169 -26.00 -13.18 -25.15
CA CYS C 169 -26.25 -12.27 -24.06
C CYS C 169 -25.05 -11.39 -23.79
N TYR C 170 -25.28 -10.28 -23.11
CA TYR C 170 -24.21 -9.35 -22.77
C TYR C 170 -24.14 -9.19 -21.27
N LEU C 171 -22.93 -9.04 -20.77
CA LEU C 171 -22.72 -8.87 -19.36
C LEU C 171 -22.25 -7.44 -19.11
N THR C 172 -22.95 -6.70 -18.27
CA THR C 172 -22.56 -5.31 -17.98
C THR C 172 -22.52 -5.07 -16.48
N ILE C 173 -21.93 -3.95 -16.09
CA ILE C 173 -21.94 -3.59 -14.67
C ILE C 173 -22.52 -2.19 -14.67
N GLN C 174 -23.34 -1.89 -13.67
CA GLN C 174 -23.94 -0.58 -13.58
C GLN C 174 -23.83 -0.12 -12.14
N GLY C 175 -23.73 1.18 -11.92
CA GLY C 175 -23.64 1.70 -10.56
C GLY C 175 -23.48 3.19 -10.51
N GLN C 176 -23.18 3.68 -9.31
CA GLN C 176 -22.97 5.09 -9.10
C GLN C 176 -21.69 5.24 -8.32
N ILE C 177 -20.84 6.16 -8.74
CA ILE C 177 -19.60 6.32 -8.03
C ILE C 177 -19.46 7.72 -7.43
N GLU C 178 -19.16 7.82 -6.14
CA GLU C 178 -18.97 9.13 -5.51
C GLU C 178 -17.55 9.60 -5.78
N LEU C 179 -17.41 10.78 -6.36
CA LEU C 179 -16.11 11.34 -6.69
C LEU C 179 -15.82 12.62 -5.90
N SER C 180 -14.58 12.85 -5.50
CA SER C 180 -14.22 14.07 -4.77
C SER C 180 -12.71 14.31 -4.82
N SER C 181 -12.27 15.53 -4.50
CA SER C 181 -10.86 15.93 -4.52
C SER C 181 -10.22 15.83 -5.89
N PRO C 182 -10.36 16.87 -6.70
CA PRO C 182 -9.82 16.89 -8.06
C PRO C 182 -8.35 16.52 -8.08
N LEU C 183 -7.94 15.76 -9.09
CA LEU C 183 -6.55 15.38 -9.24
C LEU C 183 -6.02 16.13 -10.46
N LEU C 184 -4.99 16.94 -10.27
CA LEU C 184 -4.45 17.70 -11.38
C LEU C 184 -4.03 16.81 -12.54
N GLN C 185 -4.67 17.02 -13.69
CA GLN C 185 -4.37 16.26 -14.91
C GLN C 185 -4.23 17.29 -16.03
N ALA C 186 -3.66 16.94 -17.17
CA ALA C 186 -3.53 17.91 -18.26
C ALA C 186 -4.85 17.95 -19.00
N SER C 187 -5.21 19.08 -19.62
N SER C 187 -5.21 19.12 -19.55
CA SER C 187 -6.47 19.11 -20.35
CA SER C 187 -6.46 19.27 -20.28
C SER C 187 -6.30 18.80 -21.84
C SER C 187 -6.37 18.75 -21.72
N SER C 188 -5.07 18.51 -22.25
N SER C 188 -5.27 19.04 -22.41
CA SER C 188 -4.76 18.18 -23.64
CA SER C 188 -5.06 18.59 -23.78
C SER C 188 -5.56 16.96 -24.11
C SER C 188 -3.73 17.81 -23.89
N MET D 1 15.26 49.01 0.56
CA MET D 1 15.75 47.67 1.01
C MET D 1 15.01 46.52 0.31
N GLU D 2 15.27 46.35 -0.99
CA GLU D 2 14.62 45.29 -1.77
C GLU D 2 15.28 43.93 -1.54
N GLN D 3 14.50 42.88 -1.75
CA GLN D 3 14.96 41.51 -1.60
C GLN D 3 15.41 40.95 -2.94
N ASP D 4 16.24 39.91 -2.89
CA ASP D 4 16.72 39.39 -4.17
C ASP D 4 16.05 38.09 -4.51
N LYS D 5 14.72 38.08 -4.56
CA LYS D 5 14.00 36.85 -4.85
C LYS D 5 12.62 37.22 -5.33
N ILE D 6 12.13 36.47 -6.30
CA ILE D 6 10.79 36.70 -6.79
C ILE D 6 10.00 35.49 -6.36
N LEU D 7 8.82 35.71 -5.79
CA LEU D 7 8.00 34.61 -5.36
C LEU D 7 6.90 34.38 -6.40
N ALA D 8 6.75 33.17 -6.90
CA ALA D 8 5.70 32.87 -7.86
C ALA D 8 4.71 31.94 -7.15
N HIS D 9 3.42 32.14 -7.38
CA HIS D 9 2.43 31.35 -6.69
C HIS D 9 1.71 30.36 -7.61
N GLN D 10 1.69 29.09 -7.22
CA GLN D 10 0.97 28.11 -8.03
C GLN D 10 -0.45 28.05 -7.45
N ALA D 11 -1.46 28.34 -8.27
CA ALA D 11 -2.86 28.32 -7.87
C ALA D 11 -3.26 27.03 -7.18
N SER D 12 -3.98 27.20 -6.07
CA SER D 12 -4.43 26.04 -5.33
C SER D 12 -5.93 25.85 -5.43
N LEU D 13 -6.36 24.73 -4.89
CA LEU D 13 -7.76 24.37 -4.87
C LEU D 13 -7.98 23.49 -3.66
N ASN D 14 -9.23 23.10 -3.42
CA ASN D 14 -9.55 22.25 -2.27
C ASN D 14 -9.45 20.79 -2.70
N THR D 15 -8.32 20.17 -2.38
CA THR D 15 -8.08 18.77 -2.71
C THR D 15 -7.26 18.19 -1.56
N LYS D 16 -7.74 17.10 -0.95
CA LYS D 16 -7.03 16.54 0.18
C LYS D 16 -6.81 15.04 0.08
N PRO D 17 -5.86 14.51 0.87
CA PRO D 17 -5.62 13.06 0.91
C PRO D 17 -6.77 12.41 1.70
N SER D 18 -6.89 11.10 1.58
CA SER D 18 -7.96 10.41 2.27
C SER D 18 -7.67 8.93 2.41
N LEU D 19 -8.30 8.33 3.41
CA LEU D 19 -8.17 6.89 3.66
C LEU D 19 -9.56 6.25 3.71
N LEU D 20 -9.89 5.71 4.88
CA LEU D 20 -11.15 5.04 5.11
C LEU D 20 -12.06 5.88 5.98
N PRO D 21 -13.35 6.00 5.60
CA PRO D 21 -14.29 6.78 6.40
C PRO D 21 -14.62 6.01 7.69
N PRO D 22 -15.30 6.66 8.66
CA PRO D 22 -15.66 6.00 9.92
C PRO D 22 -16.61 4.80 9.82
N PRO D 23 -16.71 3.99 10.90
CA PRO D 23 -17.62 2.83 10.87
C PRO D 23 -19.13 3.15 10.91
N VAL D 24 -19.55 3.98 11.87
CA VAL D 24 -20.96 4.38 12.07
C VAL D 24 -21.91 3.75 11.03
N GLY D 25 -22.15 2.46 11.23
CA GLY D 25 -23.00 1.60 10.41
C GLY D 25 -23.06 0.23 11.09
N ASN D 26 -22.56 0.19 12.32
CA ASN D 26 -22.50 -0.99 13.19
C ASN D 26 -21.09 -1.60 13.20
N PRO D 27 -20.20 -1.16 14.13
CA PRO D 27 -18.84 -1.70 14.23
C PRO D 27 -18.88 -3.24 14.17
N PRO D 28 -18.19 -3.85 13.19
CA PRO D 28 -18.21 -5.31 13.00
C PRO D 28 -17.81 -6.13 14.20
N PRO D 29 -18.45 -7.30 14.35
CA PRO D 29 -18.18 -8.23 15.46
C PRO D 29 -16.76 -8.77 15.32
N VAL D 30 -16.05 -8.84 16.44
CA VAL D 30 -14.69 -9.32 16.43
C VAL D 30 -14.57 -10.57 17.27
N ILE D 31 -13.90 -11.58 16.73
CA ILE D 31 -13.70 -12.79 17.50
C ILE D 31 -12.21 -12.97 17.76
N SER D 32 -11.85 -13.58 18.86
CA SER D 32 -10.44 -13.75 19.18
C SER D 32 -10.04 -15.21 19.04
N TYR D 33 -8.98 -15.52 18.29
CA TYR D 33 -8.65 -16.92 18.13
C TYR D 33 -7.22 -17.23 18.58
N PRO D 34 -7.04 -18.29 19.37
CA PRO D 34 -5.73 -18.65 19.89
C PRO D 34 -4.92 -19.57 18.99
N PHE D 35 -3.60 -19.47 19.10
CA PHE D 35 -2.75 -20.32 18.29
C PHE D 35 -1.39 -20.52 18.93
N GLN D 36 -0.77 -21.62 18.52
CA GLN D 36 0.56 -22.00 18.92
C GLN D 36 1.11 -22.72 17.69
N ILE D 37 2.19 -22.19 17.15
CA ILE D 37 2.76 -22.77 15.94
C ILE D 37 4.23 -23.11 16.12
N THR D 38 4.61 -24.32 15.76
CA THR D 38 6.01 -24.66 15.90
C THR D 38 6.72 -24.15 14.67
N LEU D 39 7.66 -23.23 14.86
CA LEU D 39 8.40 -22.68 13.72
C LEU D 39 9.63 -23.51 13.36
N ALA D 40 10.27 -24.14 14.33
CA ALA D 40 11.48 -24.91 14.02
C ALA D 40 11.92 -25.87 15.12
N SER D 41 12.61 -26.92 14.68
CA SER D 41 13.19 -27.94 15.56
C SER D 41 14.68 -27.68 15.41
N LEU D 42 15.31 -27.19 16.47
CA LEU D 42 16.71 -26.85 16.43
C LEU D 42 17.60 -27.84 17.16
N GLY D 43 18.90 -27.67 16.96
CA GLY D 43 19.94 -28.47 17.56
C GLY D 43 20.60 -29.58 16.76
N THR D 44 20.10 -29.93 15.58
CA THR D 44 20.71 -31.00 14.80
C THR D 44 21.65 -30.47 13.71
N GLU D 45 21.51 -29.20 13.40
CA GLU D 45 22.33 -28.53 12.40
C GLU D 45 22.15 -27.02 12.55
N ASP D 46 23.11 -26.23 12.09
CA ASP D 46 22.95 -24.79 12.20
C ASP D 46 21.69 -24.38 11.44
N ALA D 47 21.02 -23.34 11.88
CA ALA D 47 19.82 -22.87 11.21
C ALA D 47 19.68 -21.38 11.40
N ALA D 48 19.04 -20.74 10.43
CA ALA D 48 18.82 -19.31 10.47
C ALA D 48 17.69 -18.98 9.51
N ASP D 49 16.75 -18.17 9.97
CA ASP D 49 15.65 -17.79 9.10
C ASP D 49 15.03 -16.50 9.58
N SER D 50 14.14 -15.96 8.75
CA SER D 50 13.41 -14.74 9.08
C SER D 50 11.98 -15.11 8.81
N VAL D 51 11.16 -14.93 9.84
CA VAL D 51 9.76 -15.25 9.73
C VAL D 51 8.90 -14.01 9.80
N SER D 52 8.23 -13.69 8.70
CA SER D 52 7.34 -12.54 8.70
C SER D 52 5.98 -13.06 9.18
N ILE D 53 5.52 -12.64 10.34
CA ILE D 53 4.25 -13.17 10.82
C ILE D 53 3.11 -13.01 9.83
N ALA D 54 3.04 -11.87 9.14
CA ALA D 54 1.97 -11.65 8.19
C ALA D 54 2.01 -12.55 6.96
N SER D 55 3.10 -13.25 6.72
CA SER D 55 3.23 -14.11 5.53
C SER D 55 3.26 -15.58 5.88
N ASN D 56 3.24 -15.88 7.17
CA ASN D 56 3.32 -17.27 7.60
C ASN D 56 2.18 -18.14 7.11
N SER D 57 2.52 -19.20 6.39
CA SER D 57 1.57 -20.14 5.81
C SER D 57 0.51 -20.65 6.79
N VAL D 58 0.99 -21.10 7.94
CA VAL D 58 0.11 -21.66 8.96
C VAL D 58 -0.83 -20.64 9.56
N LEU D 59 -0.29 -19.52 10.00
CA LEU D 59 -1.17 -18.52 10.57
C LEU D 59 -2.17 -18.07 9.50
N ALA D 60 -1.74 -18.03 8.25
CA ALA D 60 -2.62 -17.62 7.16
C ALA D 60 -3.82 -18.53 7.01
N THR D 61 -3.75 -19.77 7.48
CA THR D 61 -4.94 -20.59 7.29
C THR D 61 -6.09 -20.05 8.15
N TYR D 62 -5.78 -19.31 9.20
CA TYR D 62 -6.83 -18.73 10.03
C TYR D 62 -7.28 -17.38 9.49
N THR D 63 -6.34 -16.56 9.03
CA THR D 63 -6.70 -15.25 8.53
C THR D 63 -7.25 -15.27 7.12
N ALA D 64 -7.12 -16.37 6.41
CA ALA D 64 -7.65 -16.38 5.05
C ALA D 64 -9.16 -16.12 4.98
N LEU D 65 -9.89 -16.41 6.04
CA LEU D 65 -11.35 -16.20 6.00
C LEU D 65 -11.76 -14.81 6.40
N TYR D 66 -10.81 -13.94 6.74
CA TYR D 66 -11.20 -12.60 7.14
C TYR D 66 -10.47 -11.48 6.42
N ARG D 67 -11.06 -10.29 6.48
CA ARG D 67 -10.46 -9.13 5.81
C ARG D 67 -9.59 -8.35 6.78
N HIS D 68 -9.86 -8.49 8.08
CA HIS D 68 -9.10 -7.79 9.10
C HIS D 68 -8.62 -8.78 10.16
N ALA D 69 -7.34 -8.71 10.49
CA ALA D 69 -6.73 -9.58 11.49
C ALA D 69 -5.69 -8.79 12.29
N GLN D 70 -5.86 -8.76 13.60
CA GLN D 70 -4.97 -8.01 14.48
C GLN D 70 -4.47 -8.83 15.68
N LEU D 71 -3.16 -8.87 15.90
CA LEU D 71 -2.63 -9.62 17.03
C LEU D 71 -2.98 -8.97 18.36
N LYS D 72 -3.45 -9.78 19.32
CA LYS D 72 -3.79 -9.27 20.64
C LYS D 72 -2.57 -9.45 21.53
N HIS D 73 -1.89 -10.58 21.40
CA HIS D 73 -0.70 -10.92 22.17
C HIS D 73 0.19 -11.80 21.28
N LEU D 74 1.52 -11.77 21.45
CA LEU D 74 2.36 -12.61 20.63
C LEU D 74 3.72 -12.83 21.28
N LYS D 75 4.21 -14.06 21.31
CA LYS D 75 5.52 -14.29 21.90
C LYS D 75 6.18 -15.50 21.28
N ALA D 76 7.50 -15.58 21.42
CA ALA D 76 8.24 -16.72 20.89
C ALA D 76 8.64 -17.50 22.12
N THR D 77 8.76 -18.81 21.98
CA THR D 77 9.17 -19.59 23.14
C THR D 77 10.10 -20.70 22.71
N ILE D 78 11.16 -20.88 23.50
CA ILE D 78 12.13 -21.92 23.21
C ILE D 78 11.91 -23.03 24.22
N HIS D 79 11.62 -24.24 23.75
CA HIS D 79 11.41 -25.34 24.70
C HIS D 79 12.47 -26.41 24.59
N PRO D 80 13.39 -26.45 25.55
CA PRO D 80 14.47 -27.44 25.60
C PRO D 80 13.87 -28.85 25.65
N THR D 81 14.55 -29.82 25.02
CA THR D 81 14.08 -31.20 24.99
C THR D 81 15.04 -32.10 25.74
N TYR D 82 14.76 -33.40 25.74
CA TYR D 82 15.59 -34.37 26.45
C TYR D 82 17.03 -34.45 25.91
N MET D 83 17.30 -33.76 24.80
CA MET D 83 18.67 -33.82 24.26
C MET D 83 19.46 -32.56 24.60
N ALA D 84 18.83 -31.58 25.22
CA ALA D 84 19.54 -30.35 25.53
C ALA D 84 20.63 -30.52 26.57
N PRO D 85 20.38 -31.27 27.64
CA PRO D 85 21.46 -31.41 28.63
C PRO D 85 22.82 -31.86 28.11
N LYS D 86 22.85 -32.80 27.17
CA LYS D 86 24.12 -33.32 26.67
C LYS D 86 24.63 -32.57 25.46
N TYR D 87 23.76 -31.82 24.78
CA TYR D 87 24.15 -31.08 23.58
C TYR D 87 23.76 -29.61 23.63
N PRO D 88 24.53 -28.79 24.37
CA PRO D 88 24.24 -27.36 24.48
C PRO D 88 24.03 -26.79 23.09
N THR D 89 23.05 -25.92 22.93
CA THR D 89 22.75 -25.33 21.63
C THR D 89 22.58 -23.82 21.77
N SER D 90 23.03 -23.05 20.78
CA SER D 90 22.89 -21.61 20.83
C SER D 90 21.68 -21.17 20.01
N VAL D 91 20.90 -20.28 20.59
CA VAL D 91 19.72 -19.78 19.89
C VAL D 91 19.67 -18.29 20.11
N ALA D 92 19.65 -17.51 19.03
CA ALA D 92 19.59 -16.06 19.14
C ALA D 92 18.38 -15.59 18.38
N LEU D 93 17.70 -14.59 18.92
CA LEU D 93 16.55 -14.10 18.22
C LEU D 93 16.21 -12.67 18.62
N VAL D 94 15.48 -11.99 17.73
CA VAL D 94 15.06 -10.61 17.97
C VAL D 94 13.82 -10.34 17.14
N TRP D 95 12.97 -9.44 17.62
CA TRP D 95 11.74 -9.08 16.90
C TRP D 95 11.93 -7.71 16.27
N VAL D 96 11.68 -7.60 14.97
CA VAL D 96 11.80 -6.32 14.29
C VAL D 96 10.61 -6.08 13.34
N PRO D 97 10.36 -4.83 12.95
CA PRO D 97 9.28 -4.51 12.01
C PRO D 97 9.69 -5.21 10.70
N ALA D 98 8.73 -5.66 9.92
CA ALA D 98 9.02 -6.37 8.67
C ALA D 98 9.83 -5.59 7.64
N ASN D 99 9.81 -4.26 7.73
CA ASN D 99 10.56 -3.46 6.78
C ASN D 99 11.99 -3.22 7.21
N SER D 100 12.40 -3.83 8.31
CA SER D 100 13.78 -3.69 8.77
C SER D 100 14.68 -4.46 7.80
N THR D 101 15.88 -3.95 7.57
CA THR D 101 16.81 -4.60 6.65
C THR D 101 17.73 -5.58 7.34
N ALA D 102 17.57 -5.76 8.65
CA ALA D 102 18.38 -6.67 9.43
C ALA D 102 18.15 -8.12 9.02
N THR D 103 19.22 -8.91 9.02
CA THR D 103 19.09 -10.32 8.63
C THR D 103 19.36 -11.24 9.81
N SER D 104 18.99 -12.52 9.66
CA SER D 104 19.16 -13.48 10.74
C SER D 104 20.58 -13.57 11.29
N THR D 105 21.61 -13.29 10.51
CA THR D 105 22.96 -13.40 11.08
C THR D 105 23.41 -12.15 11.83
N GLN D 106 22.53 -11.15 11.95
CA GLN D 106 22.90 -9.91 12.64
C GLN D 106 22.05 -9.65 13.89
N VAL D 107 21.55 -10.70 14.53
CA VAL D 107 20.73 -10.51 15.72
C VAL D 107 21.44 -9.71 16.81
N LEU D 108 22.68 -10.06 17.14
CA LEU D 108 23.38 -9.34 18.19
C LEU D 108 23.82 -7.94 17.76
N ASP D 109 23.64 -7.57 16.50
CA ASP D 109 24.01 -6.22 16.07
C ASP D 109 22.77 -5.35 15.91
N THR D 110 21.66 -5.81 16.47
CA THR D 110 20.38 -5.13 16.43
C THR D 110 19.92 -4.81 17.85
N TYR D 111 19.53 -3.58 18.10
CA TYR D 111 19.10 -3.18 19.44
C TYR D 111 18.06 -4.14 19.98
N GLY D 112 18.35 -4.76 21.11
CA GLY D 112 17.42 -5.71 21.73
C GLY D 112 17.71 -7.16 21.42
N GLY D 113 18.58 -7.44 20.46
CA GLY D 113 18.92 -8.81 20.08
C GLY D 113 19.39 -9.63 21.28
N LEU D 114 18.87 -10.85 21.39
CA LEU D 114 19.22 -11.75 22.47
C LEU D 114 19.89 -13.02 21.97
N HIS D 115 20.80 -13.56 22.76
CA HIS D 115 21.50 -14.80 22.43
C HIS D 115 21.48 -15.71 23.64
N PHE D 116 20.94 -16.92 23.51
CA PHE D 116 20.90 -17.80 24.65
C PHE D 116 21.65 -19.12 24.47
N CYS D 117 22.08 -19.67 25.59
CA CYS D 117 22.75 -20.95 25.64
C CYS D 117 21.75 -21.92 26.23
N ILE D 118 21.22 -22.82 25.41
CA ILE D 118 20.24 -23.81 25.82
C ILE D 118 20.94 -25.13 26.10
N GLY D 119 20.70 -25.74 27.25
CA GLY D 119 21.31 -27.01 27.63
C GLY D 119 22.68 -26.93 28.27
N GLY D 120 23.23 -28.03 28.76
CA GLY D 120 24.53 -28.01 29.36
C GLY D 120 24.79 -28.48 30.77
N SER D 121 24.09 -29.51 31.26
CA SER D 121 24.27 -30.13 32.61
C SER D 121 24.10 -29.19 33.80
N VAL D 122 24.97 -28.16 33.83
CA VAL D 122 25.15 -27.03 34.78
C VAL D 122 24.10 -25.95 34.49
N ASN D 123 23.69 -26.00 33.24
CA ASN D 123 22.69 -25.07 32.78
C ASN D 123 21.31 -25.38 33.36
N SER D 124 20.33 -24.69 32.81
CA SER D 124 18.95 -24.87 33.17
C SER D 124 18.24 -25.26 31.87
N VAL D 125 17.23 -26.10 32.02
CA VAL D 125 16.52 -26.49 30.82
C VAL D 125 15.10 -25.95 30.90
N LYS D 126 14.95 -24.84 31.61
CA LYS D 126 13.66 -24.18 31.74
C LYS D 126 13.37 -23.51 30.39
N PRO D 127 12.13 -23.54 29.92
CA PRO D 127 11.73 -22.90 28.67
C PRO D 127 11.86 -21.38 28.82
N ILE D 128 12.04 -20.68 27.70
CA ILE D 128 12.20 -19.24 27.70
C ILE D 128 11.18 -18.54 26.82
N ASP D 129 10.60 -17.47 27.34
CA ASP D 129 9.61 -16.69 26.61
C ASP D 129 10.20 -15.36 26.19
N VAL D 130 9.93 -14.91 24.98
CA VAL D 130 10.38 -13.59 24.53
C VAL D 130 9.17 -12.94 23.88
N GLU D 131 8.52 -12.03 24.59
CA GLU D 131 7.34 -11.35 24.08
C GLU D 131 7.64 -10.35 22.99
N ALA D 132 6.73 -10.26 22.03
CA ALA D 132 6.87 -9.28 20.95
C ALA D 132 6.16 -8.02 21.45
N ASN D 133 6.80 -6.86 21.38
CA ASN D 133 6.14 -5.65 21.85
C ASN D 133 5.19 -5.11 20.78
N LEU D 134 3.90 -5.35 20.94
CA LEU D 134 2.92 -4.92 19.97
C LEU D 134 2.61 -3.42 20.00
N THR D 135 3.38 -2.64 20.75
CA THR D 135 3.14 -1.20 20.70
C THR D 135 4.22 -0.62 19.77
N ASN D 136 5.35 -1.30 19.65
CA ASN D 136 6.42 -0.89 18.74
C ASN D 136 6.10 -1.47 17.37
N LEU D 137 5.92 -2.78 17.30
CA LEU D 137 5.57 -3.43 16.04
C LEU D 137 4.08 -3.28 15.75
N ASN D 138 3.71 -3.15 14.49
CA ASN D 138 2.31 -3.01 14.11
C ASN D 138 1.60 -4.36 14.18
N PRO D 139 0.57 -4.47 15.03
CA PRO D 139 -0.16 -5.72 15.22
C PRO D 139 -1.15 -6.10 14.13
N ILE D 140 -1.47 -5.18 13.24
CA ILE D 140 -2.44 -5.46 12.18
C ILE D 140 -1.79 -6.19 11.00
N ILE D 141 -1.84 -7.51 11.01
CA ILE D 141 -1.20 -8.28 9.95
C ILE D 141 -2.08 -8.48 8.72
N LYS D 142 -3.32 -8.04 8.79
CA LYS D 142 -4.18 -8.17 7.62
C LYS D 142 -5.26 -7.10 7.69
N ALA D 143 -5.41 -6.38 6.59
CA ALA D 143 -6.39 -5.30 6.56
C ALA D 143 -6.68 -4.85 5.13
N SER D 144 -7.54 -3.85 4.97
CA SER D 144 -7.85 -3.35 3.63
C SER D 144 -6.63 -2.72 2.99
N THR D 145 -5.79 -2.19 3.89
CA THR D 145 -4.53 -1.54 3.59
C THR D 145 -3.39 -2.50 3.86
N THR D 146 -2.32 -2.40 3.09
CA THR D 146 -1.17 -3.26 3.34
C THR D 146 -0.19 -2.45 4.22
N PHE D 147 0.25 -3.00 5.35
CA PHE D 147 1.19 -2.33 6.23
C PHE D 147 2.55 -2.96 6.09
N THR D 148 3.58 -2.15 6.23
CA THR D 148 4.95 -2.63 6.05
C THR D 148 5.71 -2.90 7.33
N ASP D 149 5.17 -2.49 8.47
CA ASP D 149 5.85 -2.66 9.75
C ASP D 149 5.27 -3.72 10.71
N THR D 150 4.78 -4.83 10.15
CA THR D 150 4.24 -5.88 11.00
C THR D 150 5.40 -6.70 11.59
N PRO D 151 5.10 -7.55 12.59
CA PRO D 151 6.18 -8.31 13.22
C PRO D 151 6.94 -9.31 12.37
N LYS D 152 8.26 -9.27 12.48
CA LYS D 152 9.13 -10.19 11.78
C LYS D 152 10.09 -10.73 12.84
N LEU D 153 10.23 -12.04 12.90
CA LEU D 153 11.13 -12.62 13.89
C LEU D 153 12.39 -13.11 13.20
N LEU D 154 13.55 -12.73 13.71
CA LEU D 154 14.80 -13.19 13.14
C LEU D 154 15.44 -14.17 14.12
N TYR D 155 15.89 -15.31 13.65
CA TYR D 155 16.54 -16.23 14.56
C TYR D 155 17.72 -16.94 13.91
N TYR D 156 18.67 -17.30 14.75
CA TYR D 156 19.90 -17.95 14.35
C TYR D 156 20.18 -19.01 15.39
N SER D 157 20.65 -20.17 14.97
CA SER D 157 20.94 -21.21 15.92
C SER D 157 22.19 -21.94 15.50
N LYS D 158 23.07 -22.21 16.46
CA LYS D 158 24.30 -22.92 16.16
C LYS D 158 24.27 -24.25 16.92
N ALA D 159 24.52 -25.36 16.25
CA ALA D 159 24.50 -26.68 16.89
C ALA D 159 25.89 -27.24 17.07
N GLN D 160 25.99 -28.24 17.94
CA GLN D 160 27.28 -28.88 18.21
C GLN D 160 27.83 -29.52 16.94
N ALA D 161 29.15 -29.51 16.76
CA ALA D 161 29.78 -30.10 15.57
C ALA D 161 29.36 -31.56 15.40
N THR D 162 29.41 -32.28 16.52
CA THR D 162 29.02 -33.67 16.64
C THR D 162 27.61 -33.57 17.20
N ALA D 163 26.64 -33.37 16.31
CA ALA D 163 25.25 -33.19 16.70
C ALA D 163 24.45 -34.44 16.94
N PRO D 164 23.33 -34.29 17.66
CA PRO D 164 22.37 -35.34 17.98
C PRO D 164 21.48 -35.59 16.75
N THR D 165 20.63 -36.60 16.81
CA THR D 165 19.77 -36.92 15.68
C THR D 165 18.35 -36.45 15.90
N SER D 166 18.09 -36.02 17.13
CA SER D 166 16.80 -35.49 17.56
C SER D 166 17.04 -34.04 18.00
N PRO D 167 16.06 -33.14 17.82
CA PRO D 167 16.33 -31.77 18.22
C PRO D 167 16.53 -31.53 19.71
N THR D 168 17.32 -30.52 20.05
CA THR D 168 17.59 -30.16 21.43
C THR D 168 16.56 -29.16 21.95
N CYS D 169 15.85 -28.48 21.05
CA CYS D 169 14.80 -27.56 21.49
C CYS D 169 13.87 -27.21 20.34
N TYR D 170 12.68 -26.72 20.70
CA TYR D 170 11.71 -26.32 19.70
C TYR D 170 11.44 -24.85 19.86
N LEU D 171 11.27 -24.18 18.74
CA LEU D 171 11.00 -22.76 18.77
C LEU D 171 9.57 -22.60 18.28
N THR D 172 8.74 -21.97 19.09
CA THR D 172 7.36 -21.80 18.68
C THR D 172 6.90 -20.37 18.94
N ILE D 173 5.80 -19.99 18.31
CA ILE D 173 5.22 -18.68 18.57
C ILE D 173 3.80 -18.91 19.02
N GLN D 174 3.34 -18.08 19.95
CA GLN D 174 2.00 -18.28 20.43
C GLN D 174 1.35 -16.95 20.73
N GLY D 175 0.04 -16.89 20.53
CA GLY D 175 -0.72 -15.69 20.78
C GLY D 175 -2.16 -15.90 20.46
N GLN D 176 -2.85 -14.77 20.35
CA GLN D 176 -4.27 -14.72 20.04
C GLN D 176 -4.45 -13.67 18.96
N ILE D 177 -5.27 -13.98 17.97
CA ILE D 177 -5.48 -13.02 16.90
C ILE D 177 -6.95 -12.61 16.79
N GLU D 178 -7.23 -11.31 16.77
CA GLU D 178 -8.59 -10.82 16.64
C GLU D 178 -8.98 -10.83 15.17
N LEU D 179 -10.06 -11.54 14.84
CA LEU D 179 -10.50 -11.63 13.46
C LEU D 179 -11.86 -10.99 13.24
N SER D 180 -12.05 -10.35 12.08
CA SER D 180 -13.32 -9.73 11.77
C SER D 180 -13.47 -9.52 10.27
N SER D 181 -14.71 -9.28 9.82
CA SER D 181 -15.01 -9.05 8.41
C SER D 181 -14.73 -10.22 7.49
N PRO D 182 -15.67 -11.16 7.45
CA PRO D 182 -15.59 -12.33 6.60
C PRO D 182 -15.15 -11.95 5.19
N LEU D 183 -14.22 -12.73 4.66
CA LEU D 183 -13.73 -12.51 3.32
C LEU D 183 -14.20 -13.72 2.51
N LEU D 184 -15.09 -13.50 1.54
CA LEU D 184 -15.63 -14.59 0.77
C LEU D 184 -14.60 -15.43 0.03
N GLN D 185 -14.52 -16.70 0.42
CA GLN D 185 -13.64 -17.70 -0.18
C GLN D 185 -14.53 -18.87 -0.58
N ALA D 186 -13.99 -19.81 -1.35
N ALA D 186 -13.93 -19.95 -1.10
CA ALA D 186 -14.76 -20.98 -1.76
CA ALA D 186 -14.67 -21.14 -1.53
C ALA D 186 -14.66 -22.03 -0.66
C ALA D 186 -14.72 -22.31 -0.52
N SER D 187 -15.54 -23.03 -0.66
N SER D 187 -13.65 -23.09 -0.41
CA SER D 187 -15.50 -24.06 0.36
CA SER D 187 -13.65 -24.24 0.51
C SER D 187 -15.05 -25.42 -0.21
C SER D 187 -12.29 -24.96 0.64
N SER D 188 -14.81 -25.46 -1.52
N SER D 188 -12.35 -26.12 1.30
CA SER D 188 -14.36 -26.68 -2.20
CA SER D 188 -11.19 -26.98 1.53
C SER D 188 -12.84 -26.85 -2.12
C SER D 188 -11.49 -28.42 1.09
N ASN E 14 -19.95 -7.05 6.67
CA ASN E 14 -18.93 -6.78 7.72
C ASN E 14 -18.55 -5.28 7.82
N THR E 15 -17.84 -4.77 6.81
CA THR E 15 -17.34 -3.38 6.64
C THR E 15 -16.25 -2.95 7.65
N LYS E 16 -15.12 -3.68 7.68
CA LYS E 16 -13.98 -3.41 8.58
C LYS E 16 -12.61 -3.31 7.89
N PRO E 17 -12.46 -2.30 7.01
CA PRO E 17 -11.19 -2.03 6.32
C PRO E 17 -9.95 -1.96 7.25
N SER E 18 -9.65 -0.79 7.84
CA SER E 18 -8.51 -0.62 8.74
C SER E 18 -8.09 0.82 9.17
N LEU E 19 -7.95 1.01 10.48
CA LEU E 19 -7.50 2.27 11.09
C LEU E 19 -6.38 1.88 12.04
N LEU E 20 -5.89 2.75 12.91
CA LEU E 20 -4.80 2.30 13.78
C LEU E 20 -5.27 2.08 15.22
N PRO E 21 -4.48 1.34 16.01
CA PRO E 21 -4.84 1.12 17.41
C PRO E 21 -4.46 2.42 18.13
N PRO E 22 -5.12 2.73 19.25
CA PRO E 22 -4.80 3.99 19.93
C PRO E 22 -3.37 4.20 20.42
N PRO E 23 -2.79 5.40 20.19
CA PRO E 23 -1.43 5.71 20.66
C PRO E 23 -1.35 5.39 22.16
N VAL E 24 -0.52 4.42 22.55
CA VAL E 24 -0.39 4.01 23.95
C VAL E 24 0.02 5.12 24.91
N GLY E 25 1.27 5.58 24.86
CA GLY E 25 1.75 6.63 25.75
C GLY E 25 2.14 7.93 25.08
N ASN E 26 3.34 8.38 25.42
CA ASN E 26 3.91 9.60 24.88
C ASN E 26 4.18 9.44 23.38
N PRO E 27 3.87 10.46 22.55
CA PRO E 27 4.17 10.30 21.13
C PRO E 27 5.69 10.40 20.93
N PRO E 28 6.22 9.69 19.92
CA PRO E 28 7.67 9.74 19.73
C PRO E 28 8.20 11.10 19.35
N PRO E 29 9.44 11.37 19.77
CA PRO E 29 10.09 12.64 19.47
C PRO E 29 10.30 12.79 17.97
N VAL E 30 10.25 14.04 17.53
CA VAL E 30 10.41 14.40 16.12
C VAL E 30 11.56 15.37 15.91
N ILE E 31 12.38 15.14 14.89
CA ILE E 31 13.47 16.03 14.56
C ILE E 31 13.31 16.49 13.10
N SER E 32 13.78 17.68 12.74
CA SER E 32 13.68 18.18 11.36
C SER E 32 15.04 18.19 10.71
N TYR E 33 15.17 17.64 9.52
CA TYR E 33 16.47 17.68 8.90
C TYR E 33 16.32 18.49 7.62
N PRO E 34 17.22 19.44 7.38
CA PRO E 34 17.07 20.26 6.19
C PRO E 34 17.76 19.66 4.98
N PHE E 35 17.40 20.19 3.81
CA PHE E 35 18.03 19.71 2.59
C PHE E 35 17.83 20.68 1.42
N GLN E 36 18.76 20.61 0.48
CA GLN E 36 18.72 21.40 -0.73
C GLN E 36 19.37 20.52 -1.79
N ILE E 37 18.68 20.28 -2.88
CA ILE E 37 19.21 19.41 -3.91
C ILE E 37 19.14 20.04 -5.29
N THR E 38 20.22 19.88 -6.04
CA THR E 38 20.22 20.41 -7.39
C THR E 38 19.67 19.36 -8.34
N LEU E 39 18.50 19.63 -8.90
CA LEU E 39 17.87 18.69 -9.82
C LEU E 39 18.39 18.81 -11.24
N ALA E 40 18.71 20.02 -11.66
CA ALA E 40 19.18 20.17 -13.03
C ALA E 40 19.87 21.48 -13.33
N SER E 41 20.75 21.41 -14.32
CA SER E 41 21.52 22.52 -14.87
C SER E 41 20.82 22.71 -16.20
N LEU E 42 20.22 23.88 -16.41
CA LEU E 42 19.49 24.10 -17.64
C LEU E 42 20.09 25.17 -18.52
N GLY E 43 19.59 25.24 -19.73
CA GLY E 43 20.00 26.22 -20.73
C GLY E 43 20.95 25.78 -21.80
N THR E 44 21.54 24.59 -21.71
CA THR E 44 22.47 24.20 -22.78
C THR E 44 21.82 23.32 -23.82
N GLU E 45 20.64 22.79 -23.49
CA GLU E 45 19.88 21.93 -24.38
C GLU E 45 18.50 21.77 -23.78
N ASP E 46 17.52 21.42 -24.60
CA ASP E 46 16.17 21.22 -24.10
C ASP E 46 16.16 20.13 -23.03
N ALA E 47 15.30 20.28 -22.03
CA ALA E 47 15.23 19.30 -20.96
C ALA E 47 13.80 19.19 -20.48
N ALA E 48 13.47 18.01 -20.00
CA ALA E 48 12.14 17.74 -19.49
C ALA E 48 12.16 16.49 -18.64
N ASP E 49 11.74 16.61 -17.41
CA ASP E 49 11.71 15.44 -16.54
C ASP E 49 10.62 15.63 -15.51
N SER E 50 10.35 14.56 -14.77
CA SER E 50 9.37 14.56 -13.70
C SER E 50 10.09 13.94 -12.50
N VAL E 51 9.98 14.60 -11.37
CA VAL E 51 10.67 14.12 -10.19
C VAL E 51 9.72 13.76 -9.06
N SER E 52 9.66 12.48 -8.75
CA SER E 52 8.79 12.04 -7.66
C SER E 52 9.62 12.18 -6.39
N ILE E 53 9.24 13.12 -5.53
CA ILE E 53 10.01 13.38 -4.33
C ILE E 53 10.18 12.18 -3.41
N ALA E 54 9.11 11.43 -3.21
CA ALA E 54 9.18 10.27 -2.32
C ALA E 54 10.12 9.18 -2.81
N SER E 55 10.53 9.18 -4.06
CA SER E 55 11.43 8.16 -4.62
C SER E 55 12.84 8.66 -4.76
N ASN E 56 13.10 9.89 -4.32
CA ASN E 56 14.40 10.49 -4.44
C ASN E 56 15.51 9.81 -3.62
N SER E 57 16.59 9.48 -4.32
CA SER E 57 17.75 8.81 -3.75
C SER E 57 18.35 9.53 -2.55
N VAL E 58 18.51 10.84 -2.66
CA VAL E 58 19.10 11.61 -1.58
C VAL E 58 18.24 11.61 -0.34
N LEU E 59 16.96 11.94 -0.49
CA LEU E 59 16.07 11.93 0.67
C LEU E 59 16.03 10.55 1.32
N ALA E 60 16.08 9.51 0.50
CA ALA E 60 16.03 8.16 1.04
C ALA E 60 17.17 7.91 2.01
N THR E 61 18.34 8.52 1.82
CA THR E 61 19.39 8.23 2.78
C THR E 61 19.07 8.80 4.16
N TYR E 62 18.27 9.86 4.22
CA TYR E 62 17.93 10.43 5.51
C TYR E 62 16.79 9.66 6.17
N THR E 63 15.83 9.20 5.39
CA THR E 63 14.69 8.47 5.95
C THR E 63 14.95 6.98 6.17
N ALA E 64 16.07 6.48 5.66
CA ALA E 64 16.34 5.06 5.83
C ALA E 64 16.34 4.62 7.29
N LEU E 65 16.74 5.49 8.22
CA LEU E 65 16.78 5.10 9.62
C LEU E 65 15.46 5.26 10.34
N TYR E 66 14.44 5.81 9.70
CA TYR E 66 13.20 5.99 10.46
C TYR E 66 12.02 5.33 9.79
N ARG E 67 10.91 5.34 10.53
CA ARG E 67 9.67 4.73 10.06
C ARG E 67 8.70 5.79 9.55
N HIS E 68 8.83 7.02 10.03
CA HIS E 68 7.94 8.09 9.63
C HIS E 68 8.73 9.28 9.16
N ALA E 69 8.37 9.81 7.99
CA ALA E 69 9.04 10.96 7.43
C ALA E 69 7.98 11.84 6.78
N GLN E 70 7.90 13.10 7.18
CA GLN E 70 6.91 14.00 6.61
C GLN E 70 7.53 15.34 6.21
N LEU E 71 7.21 15.86 5.04
CA LEU E 71 7.77 17.14 4.60
C LEU E 71 7.13 18.30 5.38
N LYS E 72 7.96 19.21 5.86
CA LYS E 72 7.50 20.37 6.63
C LYS E 72 7.32 21.56 5.70
N HIS E 73 8.31 21.80 4.85
CA HIS E 73 8.32 22.90 3.88
C HIS E 73 8.98 22.32 2.65
N LEU E 74 8.58 22.77 1.47
CA LEU E 74 9.18 22.26 0.24
C LEU E 74 8.99 23.28 -0.87
N LYS E 75 10.06 23.57 -1.61
CA LYS E 75 9.92 24.52 -2.70
C LYS E 75 10.95 24.31 -3.79
N ALA E 76 10.66 24.83 -4.97
CA ALA E 76 11.61 24.72 -6.07
C ALA E 76 12.17 26.11 -6.31
N THR E 77 13.45 26.21 -6.63
CA THR E 77 13.98 27.53 -6.89
C THR E 77 14.75 27.51 -8.19
N ILE E 78 14.60 28.58 -8.96
CA ILE E 78 15.34 28.69 -10.22
C ILE E 78 16.42 29.74 -10.03
N HIS E 79 17.69 29.37 -10.18
CA HIS E 79 18.74 30.35 -9.99
C HIS E 79 19.46 30.69 -11.27
N PRO E 80 19.16 31.85 -11.88
CA PRO E 80 19.81 32.31 -13.10
C PRO E 80 21.32 32.42 -12.91
N THR E 81 22.11 32.11 -13.93
CA THR E 81 23.56 32.21 -13.82
C THR E 81 24.09 33.33 -14.71
N TYR E 82 25.41 33.46 -14.76
CA TYR E 82 26.07 34.47 -15.57
C TYR E 82 25.82 34.33 -17.07
N MET E 83 25.16 33.26 -17.50
CA MET E 83 24.93 33.09 -18.93
C MET E 83 23.51 33.47 -19.31
N ALA E 84 22.65 33.69 -18.32
CA ALA E 84 21.26 34.02 -18.58
C ALA E 84 21.10 35.35 -19.29
N PRO E 85 21.83 36.39 -18.89
CA PRO E 85 21.63 37.65 -19.63
C PRO E 85 21.71 37.58 -21.14
N LYS E 86 22.65 36.82 -21.67
CA LYS E 86 22.82 36.74 -23.11
C LYS E 86 22.06 35.58 -23.75
N TYR E 87 21.61 34.61 -22.96
CA TYR E 87 20.89 33.47 -23.52
C TYR E 87 19.57 33.19 -22.82
N PRO E 88 18.53 33.96 -23.14
CA PRO E 88 17.21 33.78 -22.52
C PRO E 88 16.82 32.31 -22.61
N THR E 89 16.29 31.76 -21.52
CA THR E 89 15.90 30.36 -21.50
C THR E 89 14.51 30.24 -20.93
N SER E 90 13.71 29.31 -21.44
CA SER E 90 12.37 29.13 -20.89
C SER E 90 12.34 27.96 -19.91
N VAL E 91 11.69 28.17 -18.77
CA VAL E 91 11.56 27.13 -17.77
C VAL E 91 10.11 27.09 -17.32
N ALA E 92 9.48 25.92 -17.39
CA ALA E 92 8.10 25.78 -16.96
C ALA E 92 8.05 24.67 -15.93
N LEU E 93 7.22 24.86 -14.92
CA LEU E 93 7.15 23.81 -13.93
C LEU E 93 5.86 23.88 -13.15
N VAL E 94 5.50 22.77 -12.53
CA VAL E 94 4.27 22.68 -11.75
C VAL E 94 4.38 21.50 -10.78
N TRP E 95 3.74 21.61 -9.63
CA TRP E 95 3.75 20.54 -8.64
C TRP E 95 2.43 19.77 -8.72
N VAL E 96 2.47 18.45 -8.78
CA VAL E 96 1.25 17.66 -8.85
C VAL E 96 1.42 16.41 -7.99
N PRO E 97 0.31 15.80 -7.58
CA PRO E 97 0.39 14.56 -6.79
C PRO E 97 1.04 13.54 -7.71
N ALA E 98 1.75 12.57 -7.14
CA ALA E 98 2.45 11.56 -7.93
C ALA E 98 1.58 10.70 -8.82
N ASN E 99 0.31 10.55 -8.48
CA ASN E 99 -0.57 9.73 -9.31
C ASN E 99 -1.18 10.49 -10.48
N SER E 100 -0.80 11.75 -10.67
CA SER E 100 -1.29 12.51 -11.80
C SER E 100 -0.60 11.93 -13.03
N THR E 101 -1.26 11.89 -14.18
CA THR E 101 -0.60 11.35 -15.37
C THR E 101 -0.11 12.43 -16.31
N ALA E 102 -0.14 13.68 -15.85
CA ALA E 102 0.32 14.80 -16.66
C ALA E 102 1.83 14.67 -16.91
N THR E 103 2.29 15.04 -18.10
CA THR E 103 3.72 14.95 -18.39
C THR E 103 4.39 16.32 -18.45
N SER E 104 5.71 16.32 -18.38
CA SER E 104 6.46 17.56 -18.39
C SER E 104 6.15 18.45 -19.58
N THR E 105 5.69 17.93 -20.69
CA THR E 105 5.38 18.83 -21.78
C THR E 105 4.00 19.46 -21.70
N GLN E 106 3.24 19.17 -20.65
CA GLN E 106 1.89 19.73 -20.52
C GLN E 106 1.74 20.63 -19.31
N VAL E 107 2.81 21.29 -18.89
CA VAL E 107 2.73 22.17 -17.74
C VAL E 107 1.69 23.26 -17.92
N LEU E 108 1.69 23.95 -19.06
CA LEU E 108 0.72 25.02 -19.25
C LEU E 108 -0.68 24.49 -19.50
N ASP E 109 -0.87 23.18 -19.55
CA ASP E 109 -2.21 22.65 -19.75
C ASP E 109 -2.71 22.08 -18.43
N THR E 110 -1.99 22.39 -17.36
CA THR E 110 -2.32 21.91 -16.01
C THR E 110 -2.66 23.10 -15.10
N TYR E 111 -3.73 23.01 -14.34
CA TYR E 111 -4.11 24.11 -13.47
C TYR E 111 -2.96 24.47 -12.54
N GLY E 112 -2.51 25.72 -12.62
CA GLY E 112 -1.42 26.24 -11.80
C GLY E 112 -0.06 26.19 -12.45
N GLY E 113 0.06 25.60 -13.63
CA GLY E 113 1.31 25.50 -14.36
C GLY E 113 1.91 26.85 -14.64
N LEU E 114 3.22 27.00 -14.43
CA LEU E 114 3.91 28.25 -14.67
C LEU E 114 5.00 28.12 -15.72
N HIS E 115 5.17 29.17 -16.50
CA HIS E 115 6.17 29.23 -17.53
C HIS E 115 6.96 30.52 -17.36
N PHE E 116 8.26 30.43 -17.19
CA PHE E 116 9.03 31.65 -17.01
C PHE E 116 10.06 31.89 -18.09
N CYS E 117 10.35 33.17 -18.30
CA CYS E 117 11.38 33.55 -19.23
C CYS E 117 12.57 33.99 -18.37
N ILE E 118 13.67 33.24 -18.41
CA ILE E 118 14.86 33.58 -17.63
C ILE E 118 15.93 34.26 -18.50
N GLY E 119 16.33 35.48 -18.14
CA GLY E 119 17.36 36.23 -18.84
C GLY E 119 16.91 37.09 -20.00
N GLY E 120 17.84 37.83 -20.59
CA GLY E 120 17.61 38.72 -21.74
C GLY E 120 17.01 40.10 -21.58
N SER E 121 15.96 40.18 -20.75
CA SER E 121 15.22 41.41 -20.49
C SER E 121 15.38 41.95 -19.08
N VAL E 122 15.04 43.22 -18.97
CA VAL E 122 15.20 43.79 -17.66
C VAL E 122 14.54 43.00 -16.51
N ASN E 123 15.24 42.98 -15.36
CA ASN E 123 14.78 42.34 -14.13
C ASN E 123 14.65 40.85 -14.30
N SER E 124 15.13 40.31 -15.40
CA SER E 124 14.87 38.89 -15.48
C SER E 124 15.98 37.97 -14.96
N VAL E 125 16.84 38.47 -14.07
CA VAL E 125 17.89 37.58 -13.55
C VAL E 125 17.78 37.31 -12.05
N LYS E 126 16.69 37.74 -11.42
CA LYS E 126 16.48 37.50 -10.00
C LYS E 126 16.03 36.03 -9.86
N PRO E 127 16.45 35.33 -8.80
CA PRO E 127 15.98 33.95 -8.65
C PRO E 127 14.49 33.89 -8.33
N ILE E 128 13.86 32.76 -8.65
CA ILE E 128 12.43 32.56 -8.45
C ILE E 128 12.10 31.36 -7.57
N ASP E 129 11.22 31.55 -6.61
CA ASP E 129 10.80 30.48 -5.72
C ASP E 129 9.39 30.02 -6.08
N VAL E 130 9.12 28.72 -6.05
CA VAL E 130 7.77 28.22 -6.30
C VAL E 130 7.50 27.20 -5.20
N GLU E 131 6.78 27.60 -4.17
CA GLU E 131 6.52 26.69 -3.06
C GLU E 131 5.54 25.60 -3.43
N ALA E 132 5.73 24.42 -2.86
CA ALA E 132 4.78 23.33 -3.10
C ALA E 132 3.72 23.47 -2.02
N ASN E 133 2.44 23.38 -2.37
CA ASN E 133 1.39 23.50 -1.35
C ASN E 133 1.18 22.16 -0.66
N LEU E 134 1.70 22.01 0.55
CA LEU E 134 1.57 20.74 1.24
C LEU E 134 0.18 20.50 1.84
N THR E 135 -0.81 21.32 1.50
CA THR E 135 -2.15 21.03 1.99
C THR E 135 -2.95 20.52 0.80
N ASN E 136 -2.30 20.58 -0.37
CA ASN E 136 -2.89 20.11 -1.63
C ASN E 136 -2.12 18.87 -2.07
N LEU E 137 -0.98 18.57 -1.46
CA LEU E 137 -0.20 17.39 -1.80
C LEU E 137 0.07 16.62 -0.51
N ASN E 138 0.11 15.29 -0.57
CA ASN E 138 0.35 14.52 0.64
C ASN E 138 1.81 14.65 1.07
N PRO E 139 2.06 15.24 2.24
CA PRO E 139 3.43 15.43 2.74
C PRO E 139 4.11 14.21 3.35
N ILE E 140 3.37 13.14 3.62
CA ILE E 140 3.94 11.96 4.23
C ILE E 140 4.68 11.08 3.25
N ILE E 141 6.01 11.10 3.23
CA ILE E 141 6.69 10.26 2.25
C ILE E 141 7.13 8.90 2.81
N LYS E 142 6.91 8.68 4.10
CA LYS E 142 7.25 7.40 4.68
C LYS E 142 6.37 7.16 5.90
N ALA E 143 5.70 6.02 5.92
CA ALA E 143 4.81 5.67 7.02
C ALA E 143 4.51 4.18 6.99
N SER E 144 3.53 3.74 7.79
CA SER E 144 3.18 2.33 7.86
C SER E 144 2.66 1.75 6.56
N THR E 145 2.23 2.63 5.65
CA THR E 145 1.78 2.16 4.34
C THR E 145 2.25 3.11 3.26
N THR E 146 2.16 2.70 2.00
CA THR E 146 2.60 3.55 0.91
C THR E 146 1.49 4.46 0.39
N PHE E 147 1.80 5.74 0.17
CA PHE E 147 0.79 6.67 -0.36
C PHE E 147 1.03 6.96 -1.83
N THR E 148 -0.05 7.28 -2.54
CA THR E 148 0.08 7.50 -3.97
C THR E 148 0.05 8.96 -4.41
N ASP E 149 -0.23 9.86 -3.48
CA ASP E 149 -0.37 11.27 -3.81
C ASP E 149 0.68 12.22 -3.22
N THR E 150 1.91 11.74 -3.14
CA THR E 150 2.97 12.58 -2.61
C THR E 150 3.46 13.53 -3.71
N PRO E 151 4.21 14.57 -3.34
CA PRO E 151 4.70 15.55 -4.32
C PRO E 151 5.53 15.07 -5.48
N LYS E 152 5.16 15.53 -6.67
CA LYS E 152 5.89 15.22 -7.90
C LYS E 152 6.06 16.55 -8.62
N LEU E 153 7.29 16.86 -9.04
CA LEU E 153 7.54 18.11 -9.73
C LEU E 153 7.73 17.87 -11.22
N LEU E 154 7.02 18.61 -12.06
CA LEU E 154 7.18 18.45 -13.50
C LEU E 154 7.92 19.68 -14.02
N TYR E 155 8.95 19.50 -14.83
CA TYR E 155 9.64 20.68 -15.34
C TYR E 155 10.01 20.48 -16.79
N TYR E 156 10.00 21.58 -17.53
CA TYR E 156 10.29 21.61 -18.95
C TYR E 156 11.15 22.83 -19.22
N SER E 157 12.13 22.69 -20.11
CA SER E 157 12.97 23.84 -20.39
C SER E 157 13.36 23.87 -21.86
N LYS E 158 13.29 25.04 -22.49
CA LYS E 158 13.65 25.19 -23.89
C LYS E 158 14.86 26.12 -23.93
N ALA E 159 15.91 25.71 -24.65
CA ALA E 159 17.11 26.49 -24.76
C ALA E 159 17.26 27.15 -26.14
N GLN E 160 18.10 28.18 -26.22
CA GLN E 160 18.36 28.86 -27.48
C GLN E 160 18.92 27.86 -28.48
N ALA E 161 18.62 28.02 -29.77
CA ALA E 161 19.10 27.11 -30.81
C ALA E 161 20.62 27.05 -30.83
N THR E 162 21.19 28.23 -30.69
CA THR E 162 22.63 28.43 -30.62
C THR E 162 22.86 28.57 -29.12
N ALA E 163 23.00 27.43 -28.45
CA ALA E 163 23.15 27.42 -27.01
C ALA E 163 24.55 27.61 -26.49
N PRO E 164 24.65 28.05 -25.22
CA PRO E 164 25.92 28.27 -24.52
C PRO E 164 26.47 26.92 -24.08
N THR E 165 27.71 26.91 -23.60
CA THR E 165 28.33 25.66 -23.19
C THR E 165 28.24 25.45 -21.69
N SER E 166 27.75 26.50 -21.02
CA SER E 166 27.55 26.54 -19.59
C SER E 166 26.07 26.83 -19.32
N PRO E 167 25.50 26.26 -18.24
CA PRO E 167 24.07 26.48 -17.98
C PRO E 167 23.65 27.91 -17.69
N THR E 168 22.41 28.24 -18.08
CA THR E 168 21.89 29.57 -17.85
C THR E 168 21.17 29.64 -16.52
N CYS E 169 20.87 28.50 -15.93
CA CYS E 169 20.24 28.52 -14.62
C CYS E 169 20.23 27.13 -14.00
N TYR E 170 20.04 27.10 -12.67
CA TYR E 170 19.98 25.85 -11.94
C TYR E 170 18.63 25.73 -11.27
N LEU E 171 18.13 24.51 -11.24
CA LEU E 171 16.85 24.21 -10.63
C LEU E 171 17.13 23.38 -9.40
N THR E 172 16.74 23.90 -8.24
CA THR E 172 16.96 23.15 -7.02
C THR E 172 15.65 23.05 -6.27
N ILE E 173 15.65 22.19 -5.26
CA ILE E 173 14.48 22.08 -4.39
C ILE E 173 15.04 22.12 -2.98
N GLN E 174 14.33 22.77 -2.06
CA GLN E 174 14.82 22.79 -0.70
C GLN E 174 13.64 22.67 0.23
N GLY E 175 13.89 22.15 1.43
CA GLY E 175 12.88 21.98 2.44
C GLY E 175 13.42 21.32 3.67
N GLN E 176 12.51 20.82 4.50
CA GLN E 176 12.86 20.16 5.73
C GLN E 176 11.98 18.93 5.91
N ILE E 177 12.53 17.79 6.34
CA ILE E 177 11.73 16.59 6.60
C ILE E 177 11.69 16.36 8.10
N GLU E 178 10.52 16.04 8.63
CA GLU E 178 10.38 15.73 10.05
C GLU E 178 10.55 14.21 10.11
N LEU E 179 11.49 13.72 10.94
CA LEU E 179 11.71 12.28 11.04
C LEU E 179 11.36 11.80 12.44
N SER E 180 10.80 10.60 12.57
CA SER E 180 10.45 10.07 13.88
C SER E 180 10.31 8.56 13.82
N SER E 181 10.32 7.92 14.99
CA SER E 181 10.20 6.47 15.17
C SER E 181 11.30 5.70 14.48
N PRO E 182 12.42 5.51 15.18
CA PRO E 182 13.57 4.80 14.64
C PRO E 182 13.16 3.45 14.10
N LEU E 183 13.76 3.07 12.97
CA LEU E 183 13.48 1.77 12.38
C LEU E 183 14.66 0.87 12.69
N LEU E 184 14.46 -0.17 13.51
CA LEU E 184 15.55 -1.07 13.88
C LEU E 184 16.36 -1.62 12.71
N GLN E 185 17.64 -1.40 12.78
CA GLN E 185 18.53 -1.84 11.72
C GLN E 185 19.75 -2.42 12.38
N ALA E 186 20.62 -3.07 11.60
CA ALA E 186 21.81 -3.60 12.21
C ALA E 186 22.92 -2.55 12.11
N SER E 187 23.97 -2.73 12.91
CA SER E 187 25.15 -1.88 12.98
C SER E 187 26.19 -2.28 11.95
N SER E 188 26.26 -3.58 11.65
CA SER E 188 27.17 -4.12 10.66
C SER E 188 27.03 -3.37 9.31
#